data_2X7R
#
_entry.id   2X7R
#
_cell.length_a   57.422
_cell.length_b   57.422
_cell.length_c   182.768
_cell.angle_alpha   90.00
_cell.angle_beta   90.00
_cell.angle_gamma   120.00
#
_symmetry.space_group_name_H-M   'P 63'
#
loop_
_entity.id
_entity.type
_entity.pdbx_description
1 polymer 'TRANSMEMBRANE PROTEIN GP41'
2 polymer 'TRANSMEMBRANE PROTEIN GP41'
3 non-polymer 'SODIUM ION'
4 non-polymer 'CHLORIDE ION'
5 water water
#
loop_
_entity_poly.entity_id
_entity_poly.type
_entity_poly.pdbx_seq_one_letter_code
_entity_poly.pdbx_strand_id
1 'polypeptide(L)' GAMDDDDKSTMGAASMTLTVQARQLLSGIVQQQNNLLRAIEAQQHLLQLTVWGIKQLQARIL A,D,N
2 'polypeptide(L)' GAMDDDDKMEWDREINNYTSLIHSLIEESQNQQEKNEQELLELDKWASLWNWFNITNWLWYIK B,C,E
#
# COMPACT_ATOMS: atom_id res chain seq x y z
N ARG A 23 7.11 -18.82 -25.40
CA ARG A 23 8.30 -17.98 -25.36
C ARG A 23 9.59 -18.77 -25.47
N GLN A 24 10.64 -18.16 -26.01
CA GLN A 24 11.96 -18.75 -25.94
C GLN A 24 12.11 -19.40 -24.56
N LEU A 25 12.79 -20.54 -24.50
CA LEU A 25 13.12 -21.14 -23.22
C LEU A 25 14.12 -20.22 -22.51
N LEU A 26 14.95 -19.54 -23.31
CA LEU A 26 16.01 -18.70 -22.77
C LEU A 26 15.44 -17.42 -22.15
N SER A 27 14.45 -16.88 -22.83
CA SER A 27 13.69 -15.76 -22.31
C SER A 27 13.14 -16.09 -20.92
N GLY A 28 12.55 -17.28 -20.78
CA GLY A 28 11.96 -17.71 -19.53
C GLY A 28 12.96 -17.91 -18.41
N ILE A 29 14.03 -18.64 -18.72
CA ILE A 29 15.12 -18.87 -17.79
C ILE A 29 15.70 -17.56 -17.28
N VAL A 30 16.16 -16.71 -18.19
CA VAL A 30 16.71 -15.42 -17.81
C VAL A 30 15.72 -14.56 -17.00
N GLN A 31 14.47 -14.47 -17.44
CA GLN A 31 13.45 -13.77 -16.64
C GLN A 31 13.21 -14.43 -15.27
N GLN A 32 13.54 -15.72 -15.18
CA GLN A 32 13.34 -16.47 -13.93
C GLN A 32 14.51 -16.14 -13.00
N GLN A 33 15.69 -15.95 -13.55
CA GLN A 33 16.82 -15.55 -12.73
C GLN A 33 16.53 -14.20 -12.10
N ASN A 34 15.90 -13.31 -12.84
CA ASN A 34 15.51 -12.01 -12.29
C ASN A 34 14.52 -12.15 -11.14
N ASN A 35 13.53 -13.03 -11.28
CA ASN A 35 12.53 -13.23 -10.22
C ASN A 35 13.16 -13.72 -8.94
N LEU A 36 14.13 -14.62 -9.06
CA LEU A 36 14.76 -15.23 -7.90
C LEU A 36 15.61 -14.18 -7.16
N LEU A 37 16.41 -13.44 -7.93
CA LEU A 37 17.24 -12.36 -7.39
C LEU A 37 16.40 -11.38 -6.59
N ARG A 38 15.28 -10.97 -7.18
CA ARG A 38 14.36 -10.05 -6.50
C ARG A 38 13.85 -10.69 -5.22
N ALA A 39 13.57 -11.98 -5.26
CA ALA A 39 13.11 -12.70 -4.08
C ALA A 39 14.18 -12.65 -3.02
N ILE A 40 15.42 -12.89 -3.43
CA ILE A 40 16.56 -12.78 -2.53
C ILE A 40 16.67 -11.39 -1.90
N GLU A 41 16.66 -10.36 -2.74
CA GLU A 41 16.73 -8.98 -2.28
C GLU A 41 15.64 -8.69 -1.29
N ALA A 42 14.43 -9.12 -1.61
CA ALA A 42 13.27 -8.90 -0.76
C ALA A 42 13.48 -9.62 0.57
N GLN A 43 14.01 -10.84 0.50
CA GLN A 43 14.28 -11.56 1.74
C GLN A 43 15.38 -10.87 2.56
N GLN A 44 16.39 -10.30 1.89
CA GLN A 44 17.45 -9.60 2.60
C GLN A 44 16.89 -8.43 3.40
N HIS A 45 16.01 -7.63 2.79
CA HIS A 45 15.39 -6.54 3.51
C HIS A 45 14.69 -7.09 4.74
N LEU A 46 14.00 -8.21 4.56
CA LEU A 46 13.29 -8.87 5.66
C LEU A 46 14.25 -9.32 6.79
N LEU A 47 15.36 -9.95 6.41
CA LEU A 47 16.41 -10.33 7.37
C LEU A 47 17.01 -9.12 8.11
N GLN A 48 17.11 -8.00 7.41
CA GLN A 48 17.56 -6.76 8.02
C GLN A 48 16.51 -6.28 9.02
N LEU A 49 15.25 -6.49 8.68
CA LEU A 49 14.15 -6.10 9.58
C LEU A 49 14.22 -6.91 10.85
N THR A 50 14.46 -8.21 10.75
CA THR A 50 14.61 -9.06 11.94
C THR A 50 15.89 -8.79 12.74
N VAL A 51 16.96 -8.45 12.03
CA VAL A 51 18.21 -8.13 12.70
C VAL A 51 17.97 -6.91 13.61
N TRP A 52 17.17 -5.97 13.13
CA TRP A 52 16.94 -4.73 13.88
C TRP A 52 16.08 -4.95 15.13
N GLY A 53 15.02 -5.75 14.98
CA GLY A 53 14.15 -6.07 16.09
C GLY A 53 14.88 -6.77 17.23
N ILE A 54 15.67 -7.77 16.88
CA ILE A 54 16.51 -8.48 17.84
C ILE A 54 17.42 -7.50 18.55
N LYS A 55 17.96 -6.53 17.82
CA LYS A 55 18.81 -5.53 18.43
C LYS A 55 18.04 -4.65 19.40
N GLN A 56 16.84 -4.23 19.03
CA GLN A 56 15.98 -3.47 19.92
CA GLN A 56 16.00 -3.46 19.93
C GLN A 56 15.62 -4.29 21.15
N LEU A 57 15.36 -5.57 20.94
CA LEU A 57 15.05 -6.46 22.04
C LEU A 57 16.29 -6.64 22.91
N GLN A 58 17.45 -6.87 22.29
CA GLN A 58 18.70 -7.02 23.03
C GLN A 58 19.01 -5.79 23.84
N ALA A 59 18.45 -4.65 23.43
CA ALA A 59 18.66 -3.40 24.15
C ALA A 59 17.80 -3.31 25.42
N ARG A 60 16.61 -3.91 25.39
CA ARG A 60 15.70 -3.91 26.54
C ARG A 60 16.01 -5.02 27.54
N ILE A 61 16.40 -6.18 27.04
CA ILE A 61 16.83 -7.25 27.92
C ILE A 61 18.18 -6.93 28.55
N MET B 3 8.99 8.22 19.47
CA MET B 3 8.35 7.23 20.33
C MET B 3 8.52 5.86 19.71
N ASP B 4 8.35 4.83 20.53
CA ASP B 4 8.67 3.48 20.10
C ASP B 4 7.47 2.67 19.59
N ASP B 5 6.33 2.80 20.23
CA ASP B 5 5.13 2.14 19.70
C ASP B 5 4.98 2.52 18.24
N ASP B 6 5.41 3.74 17.92
CA ASP B 6 5.48 4.22 16.54
C ASP B 6 6.49 3.40 15.77
N ASP B 7 7.65 3.19 16.40
CA ASP B 7 8.69 2.35 15.81
C ASP B 7 8.20 0.91 15.62
N LYS B 8 7.48 0.38 16.61
CA LYS B 8 7.02 -1.00 16.58
C LYS B 8 5.91 -1.21 15.55
N MET B 9 5.20 -0.15 15.24
CA MET B 9 4.12 -0.24 14.27
C MET B 9 4.68 -0.06 12.88
N GLU B 10 5.72 0.74 12.78
CA GLU B 10 6.41 0.98 11.52
C GLU B 10 7.14 -0.30 11.07
N TRP B 11 7.61 -1.08 12.04
CA TRP B 11 8.37 -2.30 11.83
C TRP B 11 7.45 -3.46 11.43
N ASP B 12 6.27 -3.53 12.03
CA ASP B 12 5.25 -4.50 11.61
C ASP B 12 4.83 -4.21 10.18
N ARG B 13 4.65 -2.94 9.85
CA ARG B 13 4.24 -2.48 8.51
C ARG B 13 5.19 -2.97 7.43
N GLU B 14 6.50 -2.83 7.68
CA GLU B 14 7.50 -3.23 6.70
C GLU B 14 7.68 -4.74 6.66
N ILE B 15 7.54 -5.39 7.82
CA ILE B 15 7.47 -6.84 7.82
C ILE B 15 6.40 -7.26 6.82
N ASN B 16 5.20 -6.72 7.01
CA ASN B 16 4.04 -7.05 6.20
C ASN B 16 4.27 -6.77 4.72
N ASN B 17 4.70 -5.55 4.42
CA ASN B 17 5.02 -5.15 3.05
C ASN B 17 6.00 -6.10 2.35
N TYR B 18 7.07 -6.48 3.02
CA TYR B 18 8.05 -7.38 2.41
C TYR B 18 7.52 -8.78 2.31
N THR B 19 6.91 -9.25 3.40
CA THR B 19 6.28 -10.57 3.39
C THR B 19 5.39 -10.75 2.15
N SER B 20 4.46 -9.83 1.93
CA SER B 20 3.55 -9.87 0.77
C SER B 20 4.27 -9.91 -0.57
N LEU B 21 5.23 -9.01 -0.76
CA LEU B 21 6.06 -8.97 -1.97
C LEU B 21 6.73 -10.30 -2.23
N ILE B 22 7.38 -10.86 -1.21
CA ILE B 22 8.08 -12.14 -1.37
C ILE B 22 7.17 -13.28 -1.83
N HIS B 23 6.09 -13.53 -1.13
CA HIS B 23 5.17 -14.59 -1.53
C HIS B 23 4.65 -14.39 -2.94
N SER B 24 4.43 -13.13 -3.32
CA SER B 24 4.08 -12.80 -4.70
C SER B 24 5.25 -13.03 -5.67
N LEU B 25 6.47 -12.72 -5.26
CA LEU B 25 7.62 -13.07 -6.09
C LEU B 25 7.73 -14.59 -6.18
N ILE B 26 7.55 -15.29 -5.06
CA ILE B 26 7.58 -16.76 -5.04
C ILE B 26 6.56 -17.39 -6.00
N GLU B 27 5.31 -16.95 -5.87
CA GLU B 27 4.24 -17.29 -6.81
C GLU B 27 4.62 -17.09 -8.27
N GLU B 28 5.15 -15.91 -8.58
CA GLU B 28 5.52 -15.62 -9.95
C GLU B 28 6.64 -16.57 -10.39
N SER B 29 7.51 -16.92 -9.44
CA SER B 29 8.61 -17.81 -9.75
C SER B 29 8.08 -19.20 -10.01
N GLN B 30 7.13 -19.64 -9.20
CA GLN B 30 6.53 -20.95 -9.42
C GLN B 30 5.82 -20.99 -10.78
N ASN B 31 5.11 -19.93 -11.13
CA ASN B 31 4.48 -19.83 -12.44
C ASN B 31 5.51 -19.87 -13.54
N GLN B 32 6.60 -19.14 -13.32
CA GLN B 32 7.65 -19.04 -14.33
C GLN B 32 8.37 -20.38 -14.47
N GLN B 33 8.52 -21.08 -13.35
CA GLN B 33 9.15 -22.39 -13.37
C GLN B 33 8.31 -23.32 -14.22
N GLU B 34 7.00 -23.33 -13.98
CA GLU B 34 6.05 -24.13 -14.77
C GLU B 34 6.21 -23.87 -16.27
N LYS B 35 6.18 -22.60 -16.65
CA LYS B 35 6.25 -22.23 -18.05
C LYS B 35 7.58 -22.70 -18.63
N ASN B 36 8.66 -22.53 -17.85
CA ASN B 36 9.99 -22.92 -18.30
C ASN B 36 10.10 -24.40 -18.60
N GLU B 37 9.63 -25.22 -17.67
CA GLU B 37 9.66 -26.65 -17.87
C GLU B 37 8.78 -27.08 -19.05
N GLN B 38 7.73 -26.30 -19.36
CA GLN B 38 6.87 -26.62 -20.51
C GLN B 38 7.62 -26.45 -21.81
N GLU B 39 8.42 -25.40 -21.86
CA GLU B 39 9.00 -25.00 -23.10
C GLU B 39 10.28 -25.78 -23.33
N LEU B 40 10.83 -26.35 -22.26
CA LEU B 40 11.95 -27.27 -22.38
C LEU B 40 11.44 -28.57 -22.99
N LEU B 41 10.25 -28.97 -22.55
CA LEU B 41 9.68 -30.22 -23.01
C LEU B 41 9.16 -30.08 -24.44
N GLU B 42 8.56 -28.94 -24.77
CA GLU B 42 8.12 -28.72 -26.13
C GLU B 42 9.32 -28.66 -27.07
N LEU B 43 10.39 -28.05 -26.57
CA LEU B 43 11.68 -28.05 -27.25
C LEU B 43 12.14 -29.48 -27.50
N ASP B 44 12.31 -30.26 -26.43
CA ASP B 44 12.63 -31.69 -26.52
C ASP B 44 11.99 -32.26 -27.79
N LYS B 45 10.70 -31.93 -27.93
CA LYS B 45 9.80 -32.38 -29.00
C LYS B 45 8.98 -33.56 -28.52
N ASP C 4 13.58 -4.32 -16.63
CA ASP C 4 12.83 -3.11 -16.98
C ASP C 4 11.34 -3.39 -17.15
N ASP C 5 11.01 -4.66 -17.17
CA ASP C 5 9.62 -5.08 -17.26
C ASP C 5 9.12 -5.29 -15.84
N ASP C 6 10.03 -5.71 -14.95
CA ASP C 6 9.69 -5.95 -13.55
C ASP C 6 10.18 -4.85 -12.60
N ASP C 7 10.70 -3.76 -13.16
CA ASP C 7 11.11 -2.63 -12.34
C ASP C 7 10.02 -1.56 -12.26
N LYS C 8 9.37 -1.27 -13.38
CA LYS C 8 8.15 -0.47 -13.36
C LYS C 8 7.26 -0.89 -12.20
N MET C 9 7.01 -2.20 -12.08
CA MET C 9 6.12 -2.70 -11.05
C MET C 9 6.58 -2.33 -9.65
N GLU C 10 7.83 -2.64 -9.32
CA GLU C 10 8.41 -2.31 -8.01
C GLU C 10 8.24 -0.83 -7.64
N TRP C 11 8.37 0.05 -8.63
CA TRP C 11 8.15 1.48 -8.48
C TRP C 11 6.69 1.76 -8.13
N ASP C 12 5.77 1.08 -8.81
CA ASP C 12 4.35 1.20 -8.54
C ASP C 12 3.97 0.65 -7.17
N ARG C 13 4.62 -0.47 -6.81
CA ARG C 13 4.49 -1.13 -5.51
C ARG C 13 4.87 -0.15 -4.41
N GLU C 14 6.10 0.34 -4.48
CA GLU C 14 6.57 1.28 -3.48
C GLU C 14 5.78 2.58 -3.56
N ILE C 15 5.44 3.02 -4.76
CA ILE C 15 4.62 4.21 -4.87
C ILE C 15 3.35 4.03 -4.05
N ASN C 16 2.63 2.95 -4.27
CA ASN C 16 1.34 2.78 -3.61
C ASN C 16 1.44 2.50 -2.10
N ASN C 17 2.57 1.96 -1.64
CA ASN C 17 2.77 1.66 -0.22
C ASN C 17 3.06 2.88 0.66
N TYR C 18 3.88 3.77 0.15
CA TYR C 18 4.19 4.99 0.87
C TYR C 18 3.03 5.95 0.77
N THR C 19 2.28 5.86 -0.32
CA THR C 19 1.09 6.69 -0.48
C THR C 19 0.01 6.27 0.52
N SER C 20 -0.12 4.97 0.75
CA SER C 20 -1.06 4.47 1.73
C SER C 20 -0.57 4.85 3.12
N LEU C 21 0.75 4.75 3.33
CA LEU C 21 1.33 5.12 4.61
C LEU C 21 1.11 6.62 4.89
N ILE C 22 1.42 7.51 3.95
CA ILE C 22 1.14 8.94 4.17
C ILE C 22 -0.34 9.20 4.47
N HIS C 23 -1.23 8.56 3.73
CA HIS C 23 -2.66 8.71 3.99
C HIS C 23 -3.04 8.32 5.42
N SER C 24 -2.53 7.18 5.89
CA SER C 24 -2.77 6.74 7.28
C SER C 24 -2.25 7.79 8.28
N LEU C 25 -1.02 8.25 8.08
CA LEU C 25 -0.38 9.24 8.97
C LEU C 25 -1.10 10.59 9.11
N ILE C 26 -1.63 11.12 8.00
CA ILE C 26 -2.46 12.32 8.00
C ILE C 26 -3.80 12.05 8.71
N GLU C 27 -4.35 10.85 8.50
CA GLU C 27 -5.55 10.42 9.21
C GLU C 27 -5.30 10.40 10.72
N GLU C 28 -4.21 9.77 11.15
CA GLU C 28 -3.86 9.74 12.56
C GLU C 28 -3.67 11.16 13.11
N SER C 29 -3.04 12.03 12.30
CA SER C 29 -2.81 13.44 12.67
C SER C 29 -4.06 14.29 12.72
N GLN C 30 -5.01 14.02 11.82
CA GLN C 30 -6.30 14.73 11.79
C GLN C 30 -7.11 14.45 13.06
N ASN C 31 -7.08 13.19 13.49
CA ASN C 31 -7.75 12.78 14.72
C ASN C 31 -7.00 13.22 15.99
N GLN C 32 -5.67 13.25 15.97
CA GLN C 32 -4.89 13.74 17.10
C GLN C 32 -5.03 15.25 17.27
N GLN C 33 -5.21 15.95 16.16
CA GLN C 33 -5.47 17.38 16.14
C GLN C 33 -6.87 17.71 16.71
N GLU C 34 -7.88 16.94 16.30
CA GLU C 34 -9.21 17.04 16.91
C GLU C 34 -9.08 16.92 18.44
N LYS C 35 -8.32 15.91 18.87
CA LYS C 35 -8.15 15.58 20.28
C LYS C 35 -7.46 16.69 21.07
N ASN C 36 -6.39 17.21 20.48
CA ASN C 36 -5.57 18.28 21.06
C ASN C 36 -6.30 19.62 21.20
N GLU C 37 -7.23 19.91 20.28
CA GLU C 37 -8.01 21.15 20.32
C GLU C 37 -9.13 21.07 21.37
N GLN C 38 -9.66 19.87 21.57
CA GLN C 38 -10.59 19.59 22.66
C GLN C 38 -9.87 19.70 24.01
N GLU C 39 -8.81 18.90 24.19
CA GLU C 39 -8.04 18.96 25.41
C GLU C 39 -7.76 20.42 25.73
N LEU C 40 -7.46 21.21 24.71
CA LEU C 40 -7.08 22.61 24.92
C LEU C 40 -8.24 23.54 25.21
N LEU C 41 -9.31 23.43 24.42
CA LEU C 41 -10.56 24.11 24.75
C LEU C 41 -10.90 23.89 26.22
N GLU C 42 -10.84 22.64 26.68
CA GLU C 42 -11.15 22.25 28.06
C GLU C 42 -10.18 22.80 29.12
N LEU C 43 -8.97 23.16 28.71
CA LEU C 43 -8.00 23.81 29.60
C LEU C 43 -8.23 25.32 29.67
N ASP C 44 -8.62 25.93 28.55
CA ASP C 44 -8.96 27.34 28.55
C ASP C 44 -10.00 27.56 29.63
N LYS C 45 -10.88 26.57 29.78
CA LYS C 45 -12.00 26.65 30.71
C LYS C 45 -11.57 26.41 32.18
N TRP C 46 -10.97 25.25 32.47
CA TRP C 46 -10.54 24.97 33.83
C TRP C 46 -9.75 26.14 34.40
N ALA C 47 -8.76 26.60 33.65
CA ALA C 47 -7.98 27.78 34.06
C ALA C 47 -8.87 29.00 34.31
N SER C 48 -9.58 29.45 33.31
CA SER C 48 -10.50 30.56 33.48
C SER C 48 -11.45 30.39 34.68
N LEU C 49 -11.89 29.16 34.92
CA LEU C 49 -12.80 28.89 36.03
C LEU C 49 -12.14 29.19 37.35
N TRP C 50 -11.10 28.44 37.66
CA TRP C 50 -10.37 28.65 38.90
C TRP C 50 -9.80 30.06 38.95
N ASN C 51 -9.47 30.61 37.79
CA ASN C 51 -8.97 31.97 37.72
C ASN C 51 -10.04 32.97 38.07
N TRP C 52 -11.20 32.48 38.50
CA TRP C 52 -12.25 33.38 38.94
C TRP C 52 -12.48 33.28 40.45
N PHE C 53 -12.62 32.08 40.99
CA PHE C 53 -12.73 31.94 42.44
C PHE C 53 -11.59 32.70 43.09
N ASN C 54 -10.45 32.67 42.44
CA ASN C 54 -9.24 33.33 42.93
C ASN C 54 -9.40 34.84 42.97
N ILE C 55 -9.44 35.47 41.81
CA ILE C 55 -9.68 36.91 41.71
C ILE C 55 -10.88 37.33 42.55
N THR C 56 -11.91 36.49 42.55
CA THR C 56 -13.17 36.79 43.23
C THR C 56 -13.01 36.94 44.74
N ASN C 57 -12.87 35.83 45.46
CA ASN C 57 -12.86 35.87 46.93
C ASN C 57 -12.15 37.09 47.52
N TRP C 58 -11.00 37.44 46.95
CA TRP C 58 -10.22 38.63 47.29
C TRP C 58 -8.95 38.48 46.44
N LEU C 59 -8.24 39.57 46.14
CA LEU C 59 -7.03 39.47 45.30
C LEU C 59 -5.76 40.01 45.96
N TRP C 60 -5.16 39.20 46.83
CA TRP C 60 -3.94 39.60 47.51
C TRP C 60 -2.72 39.23 46.70
N TYR C 61 -1.89 40.22 46.36
CA TYR C 61 -0.59 39.97 45.74
C TYR C 61 -0.68 39.63 44.26
N SER D 15 -4.19 -11.55 -46.53
CA SER D 15 -3.59 -10.61 -45.58
C SER D 15 -4.66 -9.98 -44.72
N MET D 16 -5.80 -9.66 -45.34
CA MET D 16 -6.96 -9.15 -44.62
C MET D 16 -7.38 -10.08 -43.49
N THR D 17 -7.39 -11.39 -43.73
CA THR D 17 -7.69 -12.35 -42.68
C THR D 17 -6.59 -12.41 -41.62
N LEU D 18 -5.34 -12.21 -42.06
CA LEU D 18 -4.20 -12.33 -41.18
C LEU D 18 -4.26 -11.27 -40.10
N THR D 19 -4.42 -10.02 -40.50
CA THR D 19 -4.52 -8.95 -39.52
C THR D 19 -5.70 -9.21 -38.59
N VAL D 20 -6.91 -9.19 -39.15
CA VAL D 20 -8.14 -9.49 -38.39
C VAL D 20 -7.93 -10.67 -37.43
N GLN D 21 -7.16 -11.66 -37.88
CA GLN D 21 -6.73 -12.76 -37.03
C GLN D 21 -5.85 -12.26 -35.89
N ALA D 22 -4.73 -11.63 -36.23
CA ALA D 22 -3.76 -11.13 -35.24
C ALA D 22 -4.46 -10.64 -33.98
N ARG D 23 -4.72 -11.54 -33.04
N ARG D 23 -4.68 -11.55 -33.03
CA ARG D 23 -5.66 -11.28 -31.96
CA ARG D 23 -5.64 -11.29 -31.96
C ARG D 23 -5.08 -10.79 -30.63
C ARG D 23 -5.09 -10.79 -30.62
N GLN D 24 -4.95 -9.47 -30.51
CA GLN D 24 -4.58 -8.84 -29.26
C GLN D 24 -5.76 -8.99 -28.32
N LEU D 25 -6.96 -8.86 -28.86
CA LEU D 25 -8.19 -8.91 -28.07
C LEU D 25 -8.20 -10.08 -27.09
N LEU D 26 -7.68 -11.23 -27.52
CA LEU D 26 -7.61 -12.42 -26.67
C LEU D 26 -6.70 -12.18 -25.46
N SER D 27 -5.59 -11.49 -25.73
CA SER D 27 -4.61 -11.16 -24.70
C SER D 27 -5.16 -10.16 -23.66
N GLY D 28 -5.81 -9.10 -24.13
CA GLY D 28 -6.44 -8.13 -23.26
C GLY D 28 -7.44 -8.83 -22.36
N ILE D 29 -8.34 -9.61 -22.95
CA ILE D 29 -9.27 -10.39 -22.17
C ILE D 29 -8.57 -11.31 -21.17
N VAL D 30 -7.47 -11.92 -21.57
CA VAL D 30 -6.74 -12.81 -20.66
C VAL D 30 -5.99 -12.00 -19.58
N GLN D 31 -5.57 -10.78 -19.94
CA GLN D 31 -4.96 -9.88 -18.98
C GLN D 31 -6.02 -9.39 -18.00
N GLN D 32 -7.19 -9.04 -18.53
CA GLN D 32 -8.32 -8.57 -17.74
C GLN D 32 -8.78 -9.59 -16.71
N GLN D 33 -8.69 -10.89 -17.02
CA GLN D 33 -9.03 -11.92 -16.04
C GLN D 33 -8.01 -11.92 -14.92
N ASN D 34 -6.76 -11.64 -15.25
CA ASN D 34 -5.68 -11.55 -14.27
C ASN D 34 -5.94 -10.39 -13.29
N ASN D 35 -6.26 -9.22 -13.82
CA ASN D 35 -6.61 -8.06 -13.02
C ASN D 35 -7.73 -8.36 -12.02
N LEU D 36 -8.80 -8.97 -12.53
CA LEU D 36 -10.00 -9.26 -11.72
C LEU D 36 -9.72 -10.26 -10.60
N LEU D 37 -8.94 -11.28 -10.93
CA LEU D 37 -8.48 -12.26 -9.94
C LEU D 37 -7.72 -11.54 -8.83
N ARG D 38 -6.84 -10.63 -9.19
CA ARG D 38 -6.03 -9.93 -8.19
C ARG D 38 -6.85 -8.92 -7.40
N ALA D 39 -7.87 -8.36 -8.03
CA ALA D 39 -8.80 -7.51 -7.32
C ALA D 39 -9.52 -8.34 -6.25
N ILE D 40 -9.98 -9.53 -6.66
CA ILE D 40 -10.63 -10.49 -5.74
C ILE D 40 -9.68 -10.96 -4.61
N GLU D 41 -8.46 -11.32 -4.97
CA GLU D 41 -7.41 -11.60 -4.00
C GLU D 41 -7.28 -10.52 -2.92
N ALA D 42 -7.12 -9.28 -3.35
CA ALA D 42 -6.87 -8.19 -2.40
C ALA D 42 -8.14 -7.83 -1.60
N GLN D 43 -9.30 -8.04 -2.22
CA GLN D 43 -10.58 -7.83 -1.55
C GLN D 43 -10.80 -8.87 -0.44
N GLN D 44 -10.16 -10.03 -0.60
CA GLN D 44 -10.20 -11.09 0.41
C GLN D 44 -9.32 -10.74 1.61
N HIS D 45 -8.12 -10.22 1.34
CA HIS D 45 -7.27 -9.79 2.44
C HIS D 45 -8.09 -8.78 3.21
N LEU D 46 -8.69 -7.86 2.49
CA LEU D 46 -9.53 -6.85 3.11
C LEU D 46 -10.61 -7.48 4.01
N LEU D 47 -11.33 -8.45 3.47
CA LEU D 47 -12.37 -9.14 4.22
C LEU D 47 -11.82 -9.75 5.52
N GLN D 48 -10.69 -10.44 5.40
CA GLN D 48 -10.10 -11.10 6.56
C GLN D 48 -9.67 -10.06 7.56
N LEU D 49 -9.24 -8.90 7.09
CA LEU D 49 -8.96 -7.80 8.02
C LEU D 49 -10.24 -7.38 8.74
N THR D 50 -11.32 -7.18 8.00
CA THR D 50 -12.58 -6.75 8.63
C THR D 50 -13.11 -7.80 9.61
N VAL D 51 -12.93 -9.07 9.26
CA VAL D 51 -13.31 -10.18 10.12
C VAL D 51 -12.49 -10.13 11.42
N TRP D 52 -11.19 -9.94 11.30
CA TRP D 52 -10.35 -9.83 12.48
C TRP D 52 -10.81 -8.65 13.34
N GLY D 53 -11.02 -7.50 12.72
CA GLY D 53 -11.54 -6.34 13.41
C GLY D 53 -12.81 -6.64 14.20
N ILE D 54 -13.75 -7.32 13.54
CA ILE D 54 -15.00 -7.70 14.18
C ILE D 54 -14.72 -8.59 15.38
N LYS D 55 -13.77 -9.51 15.21
CA LYS D 55 -13.39 -10.39 16.30
C LYS D 55 -12.91 -9.61 17.52
N GLN D 56 -11.93 -8.72 17.34
CA GLN D 56 -11.46 -7.87 18.44
C GLN D 56 -12.62 -7.18 19.12
N LEU D 57 -13.50 -6.57 18.33
CA LEU D 57 -14.66 -5.91 18.88
C LEU D 57 -15.48 -6.87 19.75
N GLN D 58 -15.73 -8.05 19.21
CA GLN D 58 -16.46 -9.09 19.91
C GLN D 58 -15.78 -9.43 21.23
N ALA D 59 -14.47 -9.54 21.19
CA ALA D 59 -13.68 -9.85 22.39
C ALA D 59 -13.86 -8.76 23.45
N ARG D 60 -14.62 -7.73 23.11
CA ARG D 60 -14.76 -6.57 23.99
C ARG D 60 -16.21 -6.36 24.44
N ILE D 61 -17.14 -6.48 23.51
CA ILE D 61 -18.57 -6.36 23.81
C ILE D 61 -19.31 -7.67 23.73
N LEU D 62 -18.99 -8.59 24.63
CA LEU D 62 -19.70 -9.87 24.70
C LEU D 62 -19.12 -10.71 25.83
N ASP E 4 -1.01 -0.38 24.10
CA ASP E 4 -1.03 -1.32 22.98
C ASP E 4 -2.32 -1.19 22.18
N ASP E 5 -2.77 0.05 22.01
CA ASP E 5 -3.78 0.33 20.99
C ASP E 5 -3.02 0.55 19.69
N ASP E 6 -1.70 0.40 19.78
CA ASP E 6 -0.85 0.24 18.62
C ASP E 6 -1.65 -0.49 17.57
N ASP E 7 -2.32 -1.54 18.03
CA ASP E 7 -2.91 -2.53 17.16
C ASP E 7 -4.14 -2.05 16.39
N LYS E 8 -4.81 -1.02 16.89
CA LYS E 8 -5.93 -0.46 16.15
C LYS E 8 -5.47 0.44 15.00
N MET E 9 -4.45 1.27 15.23
CA MET E 9 -3.93 2.10 14.13
C MET E 9 -3.13 1.29 13.11
N GLU E 10 -2.51 0.20 13.53
CA GLU E 10 -1.87 -0.68 12.55
C GLU E 10 -2.95 -1.30 11.66
N TRP E 11 -4.02 -1.77 12.29
CA TRP E 11 -5.18 -2.23 11.55
C TRP E 11 -5.65 -1.16 10.55
N ASP E 12 -5.91 0.05 11.04
CA ASP E 12 -6.25 1.17 10.17
C ASP E 12 -5.31 1.23 8.99
N ARG E 13 -4.03 0.99 9.25
CA ARG E 13 -3.01 1.15 8.21
C ARG E 13 -3.13 0.05 7.19
N GLU E 14 -3.29 -1.18 7.67
CA GLU E 14 -3.40 -2.33 6.79
C GLU E 14 -4.72 -2.29 6.03
N ILE E 15 -5.73 -1.65 6.62
CA ILE E 15 -6.94 -1.40 5.84
C ILE E 15 -6.67 -0.49 4.67
N ASN E 16 -6.15 0.71 4.94
CA ASN E 16 -5.76 1.62 3.86
C ASN E 16 -4.84 0.99 2.81
N ASN E 17 -3.84 0.25 3.29
CA ASN E 17 -2.92 -0.44 2.40
C ASN E 17 -3.74 -1.13 1.34
N TYR E 18 -4.60 -2.04 1.78
CA TYR E 18 -5.33 -2.88 0.86
C TYR E 18 -6.47 -2.17 0.13
N THR E 19 -6.97 -1.06 0.67
CA THR E 19 -7.98 -0.32 -0.08
C THR E 19 -7.27 0.37 -1.25
N SER E 20 -6.06 0.88 -1.02
CA SER E 20 -5.22 1.49 -2.08
C SER E 20 -4.89 0.51 -3.24
N LEU E 21 -4.45 -0.69 -2.90
CA LEU E 21 -4.14 -1.68 -3.91
C LEU E 21 -5.37 -1.95 -4.74
N ILE E 22 -6.51 -2.08 -4.08
CA ILE E 22 -7.75 -2.48 -4.74
C ILE E 22 -8.27 -1.39 -5.65
N HIS E 23 -8.15 -0.15 -5.21
CA HIS E 23 -8.58 0.97 -6.01
C HIS E 23 -7.73 1.12 -7.25
N SER E 24 -6.46 0.77 -7.14
CA SER E 24 -5.57 0.75 -8.30
C SER E 24 -5.94 -0.39 -9.26
N LEU E 25 -5.90 -1.64 -8.78
CA LEU E 25 -6.32 -2.79 -9.56
C LEU E 25 -7.66 -2.55 -10.27
N ILE E 26 -8.58 -1.92 -9.56
CA ILE E 26 -9.87 -1.57 -10.15
C ILE E 26 -9.71 -0.52 -11.27
N GLU E 27 -8.90 0.51 -11.02
CA GLU E 27 -8.68 1.51 -12.07
C GLU E 27 -8.04 0.83 -13.27
N GLU E 28 -7.16 -0.13 -13.01
CA GLU E 28 -6.39 -0.81 -14.05
C GLU E 28 -7.35 -1.68 -14.85
N SER E 29 -8.29 -2.28 -14.15
CA SER E 29 -9.29 -3.12 -14.80
C SER E 29 -10.29 -2.28 -15.59
N GLN E 30 -10.54 -1.05 -15.15
CA GLN E 30 -11.36 -0.13 -15.94
C GLN E 30 -10.75 0.25 -17.30
N ASN E 31 -9.48 0.62 -17.29
CA ASN E 31 -8.74 0.93 -18.52
C ASN E 31 -8.65 -0.26 -19.44
N GLN E 32 -8.41 -1.43 -18.87
CA GLN E 32 -8.38 -2.67 -19.66
C GLN E 32 -9.76 -2.99 -20.26
N GLN E 33 -10.83 -2.74 -19.52
CA GLN E 33 -12.19 -2.98 -20.02
C GLN E 33 -12.52 -2.09 -21.22
N GLU E 34 -12.22 -0.80 -21.09
CA GLU E 34 -12.38 0.15 -22.19
C GLU E 34 -11.60 -0.29 -23.45
N LYS E 35 -10.36 -0.74 -23.24
CA LYS E 35 -9.52 -1.26 -24.31
C LYS E 35 -10.12 -2.49 -24.96
N ASN E 36 -10.51 -3.49 -24.16
CA ASN E 36 -11.16 -4.69 -24.72
C ASN E 36 -12.39 -4.37 -25.54
N GLU E 37 -13.21 -3.46 -25.03
CA GLU E 37 -14.38 -2.98 -25.77
C GLU E 37 -14.02 -2.31 -27.10
N GLN E 38 -13.07 -1.39 -27.08
CA GLN E 38 -12.68 -0.68 -28.31
C GLN E 38 -12.12 -1.65 -29.35
N GLU E 39 -11.24 -2.56 -28.92
CA GLU E 39 -10.68 -3.56 -29.83
C GLU E 39 -11.77 -4.45 -30.41
N LEU E 40 -12.63 -4.97 -29.55
CA LEU E 40 -13.73 -5.79 -30.02
C LEU E 40 -14.55 -5.10 -31.11
N LEU E 41 -14.83 -3.81 -30.92
CA LEU E 41 -15.63 -3.06 -31.90
C LEU E 41 -14.85 -2.88 -33.21
N GLU E 42 -13.56 -2.56 -33.10
CA GLU E 42 -12.74 -2.40 -34.28
C GLU E 42 -12.68 -3.71 -35.04
N LEU E 43 -12.53 -4.80 -34.28
CA LEU E 43 -12.51 -6.14 -34.86
C LEU E 43 -13.83 -6.45 -35.57
N ASP E 44 -14.94 -6.03 -34.97
CA ASP E 44 -16.29 -6.24 -35.51
C ASP E 44 -16.60 -5.26 -36.62
N LYS E 45 -15.89 -4.16 -36.64
CA LYS E 45 -16.03 -3.22 -37.74
C LYS E 45 -15.39 -3.80 -39.00
N TRP E 46 -14.19 -4.34 -38.84
CA TRP E 46 -13.37 -4.77 -39.97
C TRP E 46 -13.67 -6.20 -40.42
N ALA E 47 -14.11 -7.03 -39.49
CA ALA E 47 -14.53 -8.38 -39.83
C ALA E 47 -15.85 -8.30 -40.59
N SER E 48 -16.65 -7.29 -40.26
CA SER E 48 -17.91 -7.07 -40.97
C SER E 48 -17.63 -6.56 -42.38
N LEU E 49 -16.57 -5.81 -42.57
CA LEU E 49 -16.19 -5.38 -43.90
C LEU E 49 -15.59 -6.57 -44.66
N TRP E 50 -16.36 -7.65 -44.68
CA TRP E 50 -16.15 -8.77 -45.59
C TRP E 50 -17.49 -9.08 -46.25
N ASN E 51 -18.49 -8.27 -45.92
CA ASN E 51 -19.65 -8.14 -46.79
C ASN E 51 -19.00 -7.77 -48.11
N TRP E 52 -18.22 -6.70 -48.05
CA TRP E 52 -17.45 -6.26 -49.19
C TRP E 52 -16.51 -7.35 -49.70
N PHE E 53 -15.38 -7.53 -49.04
CA PHE E 53 -14.38 -8.43 -49.59
C PHE E 53 -14.94 -9.79 -50.05
N ASN E 54 -15.89 -10.36 -49.30
CA ASN E 54 -16.47 -11.65 -49.67
C ASN E 54 -17.66 -11.52 -50.60
N ILE E 55 -18.65 -10.74 -50.17
CA ILE E 55 -19.82 -10.47 -50.99
C ILE E 55 -19.32 -9.65 -52.17
N THR E 56 -18.01 -9.78 -52.38
CA THR E 56 -17.41 -9.48 -53.66
C THR E 56 -18.11 -10.42 -54.63
N ASN E 57 -18.37 -9.93 -55.84
CA ASN E 57 -19.27 -10.58 -56.79
C ASN E 57 -18.94 -10.24 -58.24
N GLY F 12 -5.31 18.78 47.51
CA GLY F 12 -6.25 18.36 46.49
C GLY F 12 -6.92 19.54 45.82
N ALA F 13 -6.51 20.75 46.23
CA ALA F 13 -6.90 21.94 45.50
C ALA F 13 -6.86 21.53 44.03
N ALA F 14 -8.00 21.68 43.34
CA ALA F 14 -8.12 21.21 41.96
C ALA F 14 -7.14 21.89 41.01
N SER F 15 -5.87 21.83 41.37
CA SER F 15 -4.76 22.19 40.52
C SER F 15 -4.20 20.88 39.98
N MET F 16 -4.43 19.82 40.75
CA MET F 16 -4.27 18.47 40.26
C MET F 16 -4.98 18.45 38.94
N THR F 17 -6.30 18.47 39.02
CA THR F 17 -7.18 18.47 37.87
C THR F 17 -6.75 19.41 36.75
N LEU F 18 -6.11 20.51 37.12
CA LEU F 18 -5.83 21.58 36.17
C LEU F 18 -4.58 21.32 35.37
N THR F 19 -3.53 20.86 36.03
CA THR F 19 -2.31 20.52 35.31
C THR F 19 -2.45 19.15 34.69
N VAL F 20 -3.27 18.29 35.29
CA VAL F 20 -3.45 16.94 34.74
C VAL F 20 -3.82 16.98 33.25
N GLN F 21 -4.74 17.88 32.88
CA GLN F 21 -5.08 18.03 31.47
C GLN F 21 -3.92 18.62 30.68
N ALA F 22 -3.23 19.61 31.26
CA ALA F 22 -2.12 20.26 30.55
C ALA F 22 -1.00 19.25 30.35
N ARG F 23 -0.90 18.31 31.28
CA ARG F 23 -0.05 17.14 31.13
C ARG F 23 -0.56 16.31 29.96
N GLN F 24 -1.88 16.18 29.86
CA GLN F 24 -2.50 15.43 28.77
C GLN F 24 -2.25 16.10 27.40
N LEU F 25 -2.23 17.44 27.40
CA LEU F 25 -2.06 18.22 26.18
C LEU F 25 -0.66 18.14 25.59
N LEU F 26 0.37 18.49 26.37
CA LEU F 26 1.74 18.41 25.87
C LEU F 26 2.03 16.99 25.43
N SER F 27 1.29 16.03 26.00
CA SER F 27 1.33 14.63 25.57
C SER F 27 0.68 14.46 24.18
N GLY F 28 -0.46 15.10 23.96
CA GLY F 28 -1.08 15.12 22.65
C GLY F 28 -0.23 15.85 21.61
N ILE F 29 0.38 16.96 22.03
CA ILE F 29 1.24 17.78 21.19
C ILE F 29 2.52 17.07 20.79
N VAL F 30 3.18 16.45 21.77
CA VAL F 30 4.38 15.69 21.49
C VAL F 30 4.12 14.51 20.52
N GLN F 31 3.10 13.68 20.78
CA GLN F 31 2.79 12.61 19.80
C GLN F 31 2.56 13.20 18.40
N GLN F 32 1.74 14.25 18.34
CA GLN F 32 1.37 14.92 17.09
C GLN F 32 2.58 15.43 16.29
N GLN F 33 3.67 15.77 16.98
CA GLN F 33 4.92 16.08 16.29
C GLN F 33 5.62 14.81 15.76
N ASN F 34 5.49 13.69 16.48
CA ASN F 34 5.97 12.41 15.94
C ASN F 34 5.18 12.01 14.71
N ASN F 35 3.87 12.25 14.74
CA ASN F 35 2.98 12.00 13.60
C ASN F 35 3.44 12.77 12.35
N LEU F 36 3.64 14.08 12.54
CA LEU F 36 4.04 14.95 11.45
C LEU F 36 5.44 14.58 10.94
N LEU F 37 6.34 14.27 11.87
CA LEU F 37 7.68 13.81 11.51
C LEU F 37 7.63 12.54 10.63
N ARG F 38 6.82 11.57 11.04
CA ARG F 38 6.69 10.32 10.29
C ARG F 38 6.06 10.54 8.90
N ALA F 39 5.13 11.47 8.80
CA ALA F 39 4.51 11.88 7.53
C ALA F 39 5.52 12.49 6.58
N ILE F 40 6.34 13.38 7.12
CA ILE F 40 7.44 14.01 6.36
C ILE F 40 8.43 12.96 5.84
N GLU F 41 8.74 11.97 6.67
CA GLU F 41 9.65 10.91 6.27
C GLU F 41 9.12 10.04 5.14
N ALA F 42 7.83 9.72 5.20
CA ALA F 42 7.16 8.93 4.18
C ALA F 42 7.02 9.73 2.89
N GLN F 43 6.79 11.04 3.05
CA GLN F 43 6.77 11.98 1.91
C GLN F 43 8.13 12.08 1.22
N GLN F 44 9.19 12.15 2.03
CA GLN F 44 10.56 12.10 1.53
C GLN F 44 10.81 10.84 0.66
N HIS F 45 10.40 9.67 1.15
CA HIS F 45 10.49 8.41 0.40
C HIS F 45 9.72 8.49 -0.91
N LEU F 46 8.47 8.93 -0.81
CA LEU F 46 7.66 9.12 -1.99
C LEU F 46 8.39 10.06 -2.97
N LEU F 47 9.08 11.05 -2.41
CA LEU F 47 9.79 12.05 -3.21
C LEU F 47 10.99 11.45 -3.97
N GLN F 48 11.73 10.58 -3.29
CA GLN F 48 12.90 9.95 -3.93
C GLN F 48 12.51 8.94 -5.01
N LEU F 49 11.36 8.30 -4.82
CA LEU F 49 10.83 7.41 -5.85
C LEU F 49 10.50 8.22 -7.09
N THR F 50 9.92 9.42 -6.91
CA THR F 50 9.56 10.24 -8.08
C THR F 50 10.78 10.83 -8.76
N VAL F 51 11.80 11.18 -7.98
CA VAL F 51 13.08 11.62 -8.52
C VAL F 51 13.73 10.50 -9.33
N TRP F 52 14.00 9.37 -8.67
CA TRP F 52 14.44 8.17 -9.38
C TRP F 52 13.65 8.00 -10.68
N GLY F 53 12.34 7.84 -10.55
CA GLY F 53 11.45 7.75 -11.71
C GLY F 53 11.76 8.75 -12.80
N ILE F 54 12.07 9.98 -12.42
CA ILE F 54 12.34 11.06 -13.38
C ILE F 54 13.73 10.92 -13.97
N LYS F 55 14.67 10.39 -13.19
CA LYS F 55 16.02 10.20 -13.68
C LYS F 55 16.15 9.04 -14.67
N GLN F 56 15.16 8.14 -14.64
CA GLN F 56 15.11 7.02 -15.58
C GLN F 56 14.52 7.49 -16.92
N LEU F 57 13.67 8.50 -16.86
CA LEU F 57 13.04 9.03 -18.07
C LEU F 57 14.02 9.97 -18.78
N GLN F 58 14.92 10.57 -18.02
CA GLN F 58 16.00 11.37 -18.60
C GLN F 58 17.01 10.42 -19.24
N ALA F 59 17.47 9.45 -18.47
CA ALA F 59 18.48 8.51 -18.93
C ALA F 59 17.90 7.50 -19.89
N ARG F 60 16.85 7.91 -20.60
CA ARG F 60 16.34 7.15 -21.74
C ARG F 60 16.13 8.07 -22.93
N ILE F 61 16.20 9.37 -22.68
CA ILE F 61 16.06 10.37 -23.72
C ILE F 61 17.45 10.84 -24.17
N LEU F 62 18.15 9.93 -24.83
CA LEU F 62 19.46 10.23 -25.40
C LEU F 62 19.53 9.78 -26.87
#